data_2FTP
#
_entry.id   2FTP
#
_cell.length_a   189.012
_cell.length_b   189.012
_cell.length_c   189.012
_cell.angle_alpha   90.00
_cell.angle_beta   90.00
_cell.angle_gamma   90.00
#
_symmetry.space_group_name_H-M   'I 4 3 2'
#
loop_
_entity.id
_entity.type
_entity.pdbx_description
1 polymer 'hydroxymethylglutaryl-CoA lyase'
2 non-polymer 'SODIUM ION'
3 non-polymer GLYCEROL
4 water water
#
_entity_poly.entity_id   1
_entity_poly.type   'polypeptide(L)'
_entity_poly.pdbx_seq_one_letter_code
;GHMNLPKKVRLVEVGPRDGLQNEKQPIEVADKIRLVDDLSAAGLDYIEVGSFVSPKWVPQMAGSAEVFAGIRQRPGVTYA
ALAPNLKGFEAALESGVKEVAVFAAASEAFSQRNINCSIKDSLERFVPVLEAARQHQVRVRGYISCVLGCPYDGDVDPRQ
VAWVARELQQMGCYEVSLGDTIGVGTAGATRRLIEAVASEVPRERLAGHFHDTYGQALANIYASLLEGIAVFDSSVAGLG
GCPYAKGATGNVASEDVLYLLNGLEIHTGVDMHALVDAGQRICAVLGKSNGSRAAKALLAKA
;
_entity_poly.pdbx_strand_id   A
#
loop_
_chem_comp.id
_chem_comp.type
_chem_comp.name
_chem_comp.formula
GOL non-polymer GLYCEROL 'C3 H8 O3'
NA non-polymer 'SODIUM ION' 'Na 1'
#
# COMPACT_ATOMS: atom_id res chain seq x y z
N MET A 3 -5.51 16.84 17.77
CA MET A 3 -6.48 17.66 16.99
C MET A 3 -6.05 19.15 16.88
N ASN A 4 -5.12 19.59 15.98
CA ASN A 4 -3.86 18.91 15.55
C ASN A 4 -3.88 17.76 14.49
N LEU A 5 -5.09 17.36 14.10
CA LEU A 5 -5.27 16.49 12.96
C LEU A 5 -4.88 17.20 11.63
N PRO A 6 -4.41 16.41 10.64
CA PRO A 6 -4.30 16.93 9.28
C PRO A 6 -5.65 17.46 8.77
N LYS A 7 -5.61 18.46 7.89
CA LYS A 7 -6.81 18.96 7.25
C LYS A 7 -7.00 18.27 5.92
N LYS A 8 -5.95 17.61 5.46
CA LYS A 8 -5.91 17.01 4.15
C LYS A 8 -5.09 15.73 4.26
N VAL A 9 -5.58 14.67 3.64
CA VAL A 9 -4.94 13.36 3.72
C VAL A 9 -4.89 12.73 2.31
N ARG A 10 -3.84 11.96 2.04
N ARG A 10 -3.84 11.99 1.99
CA ARG A 10 -3.68 11.19 0.80
CA ARG A 10 -3.79 11.24 0.74
C ARG A 10 -4.09 9.74 1.03
C ARG A 10 -4.04 9.75 0.94
N LEU A 11 -5.07 9.27 0.25
CA LEU A 11 -5.37 7.86 0.20
C LEU A 11 -4.56 7.21 -0.95
N VAL A 12 -3.70 6.27 -0.57
CA VAL A 12 -2.91 5.49 -1.51
C VAL A 12 -3.65 4.18 -1.79
N GLU A 13 -4.29 4.12 -2.95
CA GLU A 13 -5.11 2.97 -3.34
C GLU A 13 -4.26 1.80 -3.87
N VAL A 14 -4.16 0.73 -3.09
CA VAL A 14 -3.34 -0.42 -3.45
C VAL A 14 -4.20 -1.62 -3.89
N GLY A 15 -5.50 -1.42 -4.01
CA GLY A 15 -6.41 -2.46 -4.46
C GLY A 15 -5.91 -3.25 -5.67
N PRO A 16 -5.63 -2.56 -6.81
CA PRO A 16 -5.27 -3.24 -8.06
C PRO A 16 -3.97 -4.03 -8.02
N ARG A 17 -3.08 -3.71 -7.10
CA ARG A 17 -1.83 -4.43 -7.01
C ARG A 17 -1.81 -5.32 -5.79
N ASP A 18 -1.68 -4.71 -4.62
CA ASP A 18 -1.59 -5.45 -3.37
C ASP A 18 -2.87 -6.23 -3.03
N GLY A 19 -4.03 -5.64 -3.30
CA GLY A 19 -5.29 -6.36 -3.15
C GLY A 19 -5.44 -7.55 -4.10
N LEU A 20 -5.40 -7.28 -5.41
CA LEU A 20 -5.50 -8.31 -6.44
C LEU A 20 -4.44 -9.40 -6.31
N GLN A 21 -3.21 -9.00 -6.01
CA GLN A 21 -2.10 -9.92 -5.74
C GLN A 21 -2.41 -10.93 -4.63
N ASN A 22 -3.13 -10.46 -3.60
CA ASN A 22 -3.43 -11.27 -2.42
C ASN A 22 -4.84 -11.85 -2.46
N GLU A 23 -5.48 -11.78 -3.63
CA GLU A 23 -6.68 -12.55 -3.95
C GLU A 23 -6.28 -13.87 -4.63
N LYS A 24 -7.02 -14.94 -4.35
CA LYS A 24 -6.72 -16.26 -4.92
C LYS A 24 -7.06 -16.36 -6.39
N GLN A 25 -8.06 -15.59 -6.81
CA GLN A 25 -8.55 -15.60 -8.17
C GLN A 25 -7.87 -14.51 -9.02
N PRO A 26 -7.01 -14.90 -9.97
CA PRO A 26 -6.53 -13.91 -10.95
C PRO A 26 -7.68 -13.43 -11.83
N ILE A 27 -7.59 -12.20 -12.32
CA ILE A 27 -8.65 -11.68 -13.18
C ILE A 27 -8.16 -11.14 -14.54
N GLU A 28 -9.10 -10.93 -15.46
CA GLU A 28 -8.80 -10.48 -16.81
C GLU A 28 -8.30 -9.04 -16.83
N VAL A 29 -7.40 -8.76 -17.79
CA VAL A 29 -6.82 -7.44 -18.00
C VAL A 29 -7.90 -6.38 -18.21
N ALA A 30 -9.01 -6.78 -18.85
CA ALA A 30 -10.11 -5.86 -19.14
C ALA A 30 -10.79 -5.38 -17.85
N ASP A 31 -10.89 -6.28 -16.87
CA ASP A 31 -11.48 -5.96 -15.58
C ASP A 31 -10.54 -5.14 -14.67
N LYS A 32 -9.23 -5.41 -14.76
CA LYS A 32 -8.23 -4.59 -14.07
C LYS A 32 -8.25 -3.17 -14.59
N ILE A 33 -8.37 -3.02 -15.90
CA ILE A 33 -8.41 -1.70 -16.54
C ILE A 33 -9.64 -0.95 -16.02
N ARG A 34 -10.78 -1.63 -16.02
CA ARG A 34 -12.03 -1.06 -15.52
C ARG A 34 -11.89 -0.63 -14.05
N LEU A 35 -11.26 -1.49 -13.23
CA LEU A 35 -10.99 -1.17 -11.82
C LEU A 35 -10.28 0.16 -11.67
N VAL A 36 -9.10 0.26 -12.30
CA VAL A 36 -8.26 1.44 -12.24
C VAL A 36 -8.99 2.66 -12.78
N ASP A 37 -9.74 2.47 -13.87
CA ASP A 37 -10.53 3.56 -14.44
C ASP A 37 -11.63 4.01 -13.48
N ASP A 38 -12.28 3.04 -12.82
CA ASP A 38 -13.29 3.35 -11.81
C ASP A 38 -12.64 4.09 -10.62
N LEU A 39 -11.43 3.68 -10.24
CA LEU A 39 -10.69 4.36 -9.16
C LEU A 39 -10.27 5.78 -9.51
N SER A 40 -9.87 5.99 -10.76
CA SER A 40 -9.54 7.31 -11.27
C SER A 40 -10.81 8.18 -11.27
N ALA A 41 -11.94 7.57 -11.62
CA ALA A 41 -13.24 8.25 -11.59
C ALA A 41 -13.69 8.58 -10.16
N ALA A 42 -13.19 7.83 -9.18
CA ALA A 42 -13.49 8.11 -7.77
C ALA A 42 -12.72 9.32 -7.22
N GLY A 43 -11.79 9.86 -8.02
CA GLY A 43 -11.02 11.05 -7.65
C GLY A 43 -9.74 10.76 -6.93
N LEU A 44 -9.33 9.50 -6.90
CA LEU A 44 -8.06 9.14 -6.25
C LEU A 44 -6.92 9.76 -7.03
N ASP A 45 -5.92 10.26 -6.31
CA ASP A 45 -4.76 10.80 -6.99
C ASP A 45 -3.52 9.89 -6.87
N TYR A 46 -3.69 8.70 -6.30
CA TYR A 46 -2.61 7.73 -6.23
C TYR A 46 -3.21 6.35 -6.30
N ILE A 47 -2.84 5.61 -7.34
CA ILE A 47 -3.28 4.22 -7.52
C ILE A 47 -2.09 3.34 -7.89
N GLU A 48 -1.92 2.26 -7.16
CA GLU A 48 -0.92 1.27 -7.46
C GLU A 48 -1.57 0.34 -8.46
N VAL A 49 -1.12 0.45 -9.71
CA VAL A 49 -1.82 -0.14 -10.85
C VAL A 49 -1.51 -1.63 -11.04
N GLY A 50 -0.27 -2.00 -10.76
CA GLY A 50 0.16 -3.37 -11.04
C GLY A 50 1.59 -3.59 -10.60
N SER A 51 2.17 -4.68 -11.07
CA SER A 51 3.46 -5.13 -10.59
C SER A 51 4.20 -5.78 -11.72
N PHE A 52 5.52 -5.63 -11.69
CA PHE A 52 6.41 -6.22 -12.68
C PHE A 52 7.28 -7.30 -12.01
N VAL A 53 6.73 -7.85 -10.93
CA VAL A 53 7.13 -9.17 -10.46
C VAL A 53 6.90 -10.16 -11.61
N SER A 54 7.63 -11.27 -11.63
CA SER A 54 7.45 -12.30 -12.65
C SER A 54 6.07 -12.94 -12.48
N PRO A 55 5.20 -12.82 -13.50
CA PRO A 55 3.89 -13.50 -13.48
C PRO A 55 4.01 -15.00 -13.24
N LYS A 56 5.17 -15.59 -13.57
CA LYS A 56 5.49 -16.96 -13.19
C LYS A 56 5.17 -17.26 -11.72
N TRP A 57 5.48 -16.30 -10.84
CA TRP A 57 5.25 -16.47 -9.41
C TRP A 57 3.94 -15.88 -8.98
N VAL A 58 3.51 -14.80 -9.65
CA VAL A 58 2.25 -14.17 -9.30
C VAL A 58 1.35 -13.92 -10.53
N PRO A 59 0.61 -14.98 -10.93
CA PRO A 59 -0.31 -14.92 -12.08
C PRO A 59 -1.31 -13.79 -11.96
N GLN A 60 -1.72 -13.47 -10.73
CA GLN A 60 -2.61 -12.33 -10.48
C GLN A 60 -2.11 -11.03 -11.10
N MET A 61 -0.79 -10.86 -11.18
CA MET A 61 -0.18 -9.64 -11.72
C MET A 61 0.16 -9.64 -13.23
N ALA A 62 0.01 -10.79 -13.89
CA ALA A 62 0.20 -10.93 -15.33
C ALA A 62 -0.58 -9.86 -16.09
N GLY A 63 0.00 -9.37 -17.19
CA GLY A 63 -0.68 -8.35 -18.00
C GLY A 63 -0.64 -6.93 -17.48
N SER A 64 0.19 -6.68 -16.47
CA SER A 64 0.34 -5.32 -15.92
C SER A 64 0.67 -4.28 -16.99
N ALA A 65 1.56 -4.62 -17.92
CA ALA A 65 1.89 -3.76 -19.05
C ALA A 65 0.65 -3.40 -19.87
N GLU A 66 -0.17 -4.41 -20.15
CA GLU A 66 -1.41 -4.24 -20.91
C GLU A 66 -2.37 -3.35 -20.15
N VAL A 67 -2.40 -3.50 -18.82
CA VAL A 67 -3.21 -2.62 -17.94
C VAL A 67 -2.77 -1.15 -18.06
N PHE A 68 -1.47 -0.91 -17.93
CA PHE A 68 -0.91 0.43 -18.13
C PHE A 68 -1.24 1.03 -19.50
N ALA A 69 -1.21 0.20 -20.54
CA ALA A 69 -1.50 0.63 -21.90
C ALA A 69 -2.98 0.91 -22.09
N GLY A 70 -3.82 0.16 -21.36
CA GLY A 70 -5.28 0.27 -21.51
C GLY A 70 -5.99 1.32 -20.66
N ILE A 71 -5.40 1.68 -19.52
CA ILE A 71 -6.08 2.59 -18.61
C ILE A 71 -6.11 4.01 -19.15
N ARG A 72 -7.19 4.71 -18.86
CA ARG A 72 -7.27 6.14 -19.11
C ARG A 72 -6.54 6.84 -17.94
N GLN A 73 -5.29 7.25 -18.19
CA GLN A 73 -4.47 7.89 -17.18
C GLN A 73 -4.80 9.38 -17.11
N ARG A 74 -5.29 9.83 -15.96
CA ARG A 74 -5.54 11.27 -15.71
C ARG A 74 -4.24 11.96 -15.28
N PRO A 75 -3.96 13.15 -15.84
CA PRO A 75 -2.69 13.87 -15.65
C PRO A 75 -2.26 14.18 -14.19
N GLY A 76 -3.19 14.46 -13.29
CA GLY A 76 -2.79 14.78 -11.91
C GLY A 76 -2.62 13.60 -10.96
N VAL A 77 -2.75 12.38 -11.50
CA VAL A 77 -2.82 11.14 -10.71
C VAL A 77 -1.56 10.33 -10.89
N THR A 78 -1.01 9.79 -9.80
CA THR A 78 0.10 8.88 -9.96
C THR A 78 -0.35 7.42 -10.06
N TYR A 79 0.16 6.77 -11.10
CA TYR A 79 -0.14 5.37 -11.37
C TYR A 79 1.16 4.62 -11.15
N ALA A 80 1.26 3.99 -9.99
CA ALA A 80 2.50 3.39 -9.55
C ALA A 80 2.49 1.89 -9.82
N ALA A 81 3.68 1.31 -9.82
CA ALA A 81 3.82 -0.11 -10.03
C ALA A 81 4.89 -0.62 -9.10
N LEU A 82 4.70 -1.86 -8.64
CA LEU A 82 5.75 -2.53 -7.91
C LEU A 82 6.83 -2.99 -8.87
N ALA A 83 8.08 -2.74 -8.48
CA ALA A 83 9.25 -3.20 -9.23
C ALA A 83 10.20 -3.85 -8.23
N PRO A 84 10.18 -5.19 -8.15
CA PRO A 84 10.89 -5.99 -7.13
C PRO A 84 12.37 -6.24 -7.43
N ASN A 85 12.83 -5.82 -8.61
CA ASN A 85 14.21 -6.00 -9.06
C ASN A 85 14.46 -5.20 -10.33
N LEU A 86 15.69 -5.27 -10.86
CA LEU A 86 16.09 -4.49 -12.04
C LEU A 86 15.29 -4.79 -13.31
N LYS A 87 15.12 -6.07 -13.65
CA LYS A 87 14.39 -6.43 -14.87
C LYS A 87 12.93 -6.02 -14.76
N GLY A 88 12.38 -6.07 -13.54
CA GLY A 88 11.06 -5.54 -13.23
C GLY A 88 10.98 -4.04 -13.45
N PHE A 89 11.99 -3.31 -12.94
CA PHE A 89 12.10 -1.88 -13.22
C PHE A 89 12.14 -1.56 -14.72
N GLU A 90 12.95 -2.33 -15.45
CA GLU A 90 13.10 -2.09 -16.89
C GLU A 90 11.80 -2.33 -17.66
N ALA A 91 11.08 -3.39 -17.28
CA ALA A 91 9.75 -3.66 -17.83
C ALA A 91 8.77 -2.54 -17.50
N ALA A 92 8.87 -2.00 -16.29
CA ALA A 92 8.06 -0.84 -15.87
C ALA A 92 8.39 0.38 -16.70
N LEU A 93 9.67 0.63 -16.89
CA LEU A 93 10.15 1.69 -17.79
C LEU A 93 9.54 1.56 -19.20
N GLU A 94 9.64 0.38 -19.78
CA GLU A 94 9.03 0.04 -21.07
C GLU A 94 7.52 0.37 -21.11
N SER A 95 6.84 0.27 -19.95
CA SER A 95 5.41 0.64 -19.86
C SER A 95 5.11 2.12 -19.54
N GLY A 96 6.14 2.94 -19.39
CA GLY A 96 5.92 4.37 -19.16
C GLY A 96 5.54 4.67 -17.70
N VAL A 97 5.99 3.80 -16.80
CA VAL A 97 5.72 3.95 -15.38
C VAL A 97 6.58 5.09 -14.79
N LYS A 98 5.94 6.03 -14.10
CA LYS A 98 6.63 7.20 -13.55
C LYS A 98 6.97 7.06 -12.07
N GLU A 99 6.45 6.01 -11.44
CA GLU A 99 6.74 5.75 -10.02
C GLU A 99 6.68 4.28 -9.73
N VAL A 100 7.67 3.81 -8.99
CA VAL A 100 7.73 2.43 -8.55
C VAL A 100 7.88 2.37 -7.03
N ALA A 101 7.64 1.19 -6.49
CA ALA A 101 7.77 0.93 -5.07
C ALA A 101 8.73 -0.21 -4.89
N VAL A 102 9.62 -0.09 -3.91
CA VAL A 102 10.47 -1.19 -3.46
C VAL A 102 10.07 -1.55 -2.02
N PHE A 103 10.76 -2.49 -1.38
CA PHE A 103 10.31 -3.03 -0.09
C PHE A 103 11.48 -3.48 0.74
N ALA A 104 11.29 -3.47 2.04
CA ALA A 104 12.28 -3.92 3.02
C ALA A 104 11.48 -4.38 4.23
N ALA A 105 12.15 -4.98 5.21
CA ALA A 105 11.54 -5.53 6.40
C ALA A 105 12.25 -4.99 7.63
N ALA A 106 11.51 -4.86 8.73
CA ALA A 106 12.07 -4.37 9.99
C ALA A 106 12.61 -5.52 10.82
N SER A 107 12.33 -6.73 10.37
CA SER A 107 12.71 -7.94 11.09
C SER A 107 13.65 -8.81 10.27
N GLU A 108 14.84 -9.07 10.81
CA GLU A 108 15.80 -10.00 10.18
C GLU A 108 15.21 -11.39 9.94
N ALA A 109 14.54 -11.93 10.96
CA ALA A 109 13.91 -13.25 10.83
C ALA A 109 12.93 -13.26 9.67
N PHE A 110 12.11 -12.20 9.57
CA PHE A 110 11.13 -12.11 8.47
C PHE A 110 11.80 -11.93 7.12
N SER A 111 12.88 -11.15 7.09
CA SER A 111 13.68 -11.01 5.88
C SER A 111 14.19 -12.38 5.36
N GLN A 112 14.84 -13.16 6.23
CA GLN A 112 15.31 -14.50 5.89
C GLN A 112 14.20 -15.41 5.37
N ARG A 113 13.04 -15.40 6.01
CA ARG A 113 11.94 -16.27 5.62
C ARG A 113 11.24 -15.84 4.33
N ASN A 114 10.98 -14.53 4.20
CA ASN A 114 10.14 -14.03 3.11
C ASN A 114 10.90 -13.97 1.78
N ILE A 115 12.20 -13.65 1.85
CA ILE A 115 13.00 -13.38 0.65
C ILE A 115 14.43 -13.96 0.68
N ASN A 116 14.72 -14.76 1.70
CA ASN A 116 15.97 -15.56 1.75
C ASN A 116 17.25 -14.72 1.84
N CYS A 117 17.15 -13.51 2.36
CA CYS A 117 18.36 -12.73 2.69
C CYS A 117 18.11 -11.80 3.86
N SER A 118 19.19 -11.16 4.30
CA SER A 118 19.12 -10.22 5.41
C SER A 118 18.54 -8.87 4.93
N ILE A 119 18.28 -7.99 5.90
CA ILE A 119 17.75 -6.64 5.64
C ILE A 119 18.72 -5.84 4.73
N LYS A 120 19.99 -5.78 5.14
CA LYS A 120 21.08 -5.17 4.35
C LYS A 120 21.25 -5.75 2.94
N ASP A 121 21.23 -7.08 2.80
CA ASP A 121 21.34 -7.72 1.48
C ASP A 121 20.27 -7.20 0.54
N SER A 122 19.05 -7.13 1.03
CA SER A 122 17.93 -6.70 0.20
C SER A 122 17.96 -5.20 -0.11
N LEU A 123 18.42 -4.39 0.85
CA LEU A 123 18.58 -2.96 0.62
C LEU A 123 19.62 -2.74 -0.47
N GLU A 124 20.75 -3.43 -0.35
CA GLU A 124 21.80 -3.38 -1.36
C GLU A 124 21.35 -3.89 -2.73
N ARG A 125 20.54 -4.95 -2.74
CA ARG A 125 19.98 -5.44 -3.97
C ARG A 125 19.20 -4.34 -4.69
N PHE A 126 18.60 -3.43 -3.93
CA PHE A 126 17.77 -2.35 -4.51
C PHE A 126 18.53 -1.11 -4.97
N VAL A 127 19.78 -0.94 -4.54
CA VAL A 127 20.62 0.17 -5.03
C VAL A 127 20.61 0.32 -6.58
N PRO A 128 20.92 -0.78 -7.33
CA PRO A 128 20.81 -0.74 -8.79
C PRO A 128 19.48 -0.19 -9.33
N VAL A 129 18.36 -0.55 -8.71
CA VAL A 129 17.08 -0.03 -9.20
C VAL A 129 16.85 1.42 -8.78
N LEU A 130 17.38 1.81 -7.63
CA LEU A 130 17.32 3.21 -7.22
C LEU A 130 18.13 4.07 -8.20
N GLU A 131 19.35 3.62 -8.51
CA GLU A 131 20.19 4.25 -9.52
C GLU A 131 19.56 4.39 -10.91
N ALA A 132 18.92 3.33 -11.41
CA ALA A 132 18.25 3.39 -12.70
C ALA A 132 17.02 4.29 -12.68
N ALA A 133 16.23 4.20 -11.61
CA ALA A 133 15.06 5.07 -11.44
C ALA A 133 15.49 6.53 -11.34
N ARG A 134 16.58 6.78 -10.62
CA ARG A 134 17.14 8.13 -10.51
C ARG A 134 17.54 8.68 -11.90
N GLN A 135 18.18 7.83 -12.71
CA GLN A 135 18.52 8.19 -14.09
C GLN A 135 17.32 8.52 -14.98
N HIS A 136 16.19 7.84 -14.76
CA HIS A 136 15.04 8.05 -15.61
C HIS A 136 14.01 8.92 -14.94
N GLN A 137 14.42 9.56 -13.85
CA GLN A 137 13.53 10.36 -13.01
C GLN A 137 12.20 9.64 -12.71
N VAL A 138 12.31 8.40 -12.24
CA VAL A 138 11.13 7.66 -11.78
C VAL A 138 11.24 7.73 -10.26
N ARG A 139 10.23 8.24 -9.58
N ARG A 139 10.18 8.17 -9.61
CA ARG A 139 10.36 8.30 -8.13
CA ARG A 139 10.12 8.23 -8.15
C ARG A 139 10.09 6.94 -7.48
C ARG A 139 10.15 6.83 -7.54
N VAL A 140 10.77 6.68 -6.38
CA VAL A 140 10.62 5.44 -5.63
C VAL A 140 10.09 5.57 -4.21
N ARG A 141 9.02 4.85 -3.97
CA ARG A 141 8.40 4.71 -2.66
C ARG A 141 8.99 3.48 -1.98
N GLY A 142 9.26 3.57 -0.67
CA GLY A 142 9.76 2.43 0.10
C GLY A 142 8.77 1.90 1.14
N TYR A 143 8.41 0.62 1.02
CA TYR A 143 7.57 -0.09 1.99
C TYR A 143 8.44 -0.73 3.04
N ILE A 144 7.99 -0.74 4.30
CA ILE A 144 8.60 -1.58 5.33
C ILE A 144 7.53 -2.54 5.87
N SER A 145 7.88 -3.82 6.00
N SER A 145 7.88 -3.82 5.99
CA SER A 145 7.00 -4.81 6.57
CA SER A 145 6.99 -4.83 6.56
C SER A 145 7.33 -5.01 8.04
C SER A 145 7.35 -5.06 8.03
N CYS A 146 6.38 -5.60 8.79
CA CYS A 146 6.60 -5.96 10.21
C CYS A 146 6.87 -4.79 11.15
N VAL A 147 6.36 -3.60 10.84
CA VAL A 147 6.72 -2.40 11.62
C VAL A 147 6.21 -2.44 13.06
N LEU A 148 5.14 -3.22 13.29
CA LEU A 148 4.53 -3.34 14.62
C LEU A 148 4.56 -4.76 15.18
N GLY A 149 5.40 -5.61 14.60
CA GLY A 149 5.55 -6.98 15.03
C GLY A 149 5.79 -7.92 13.86
N CYS A 150 6.51 -9.00 14.14
CA CYS A 150 6.96 -9.98 13.16
C CYS A 150 6.28 -11.32 13.40
N PRO A 151 5.81 -12.00 12.34
CA PRO A 151 5.16 -13.31 12.53
C PRO A 151 6.06 -14.42 13.07
N TYR A 152 7.38 -14.23 13.05
CA TYR A 152 8.34 -15.21 13.57
C TYR A 152 8.96 -14.80 14.89
N ASP A 153 9.32 -13.52 14.97
CA ASP A 153 10.14 -13.02 16.07
C ASP A 153 9.34 -12.36 17.19
N GLY A 154 8.10 -12.00 16.91
CA GLY A 154 7.27 -11.30 17.88
C GLY A 154 7.50 -9.80 17.85
N ASP A 155 7.96 -9.24 18.98
CA ASP A 155 8.15 -7.79 19.11
C ASP A 155 9.19 -7.25 18.12
N VAL A 156 8.86 -6.11 17.50
CA VAL A 156 9.80 -5.36 16.69
C VAL A 156 10.03 -4.00 17.35
N ASP A 157 11.26 -3.79 17.80
CA ASP A 157 11.71 -2.50 18.36
C ASP A 157 11.48 -1.37 17.34
N PRO A 158 10.78 -0.28 17.76
CA PRO A 158 10.56 0.82 16.81
C PRO A 158 11.82 1.54 16.33
N ARG A 159 12.92 1.47 17.08
CA ARG A 159 14.20 2.03 16.62
C ARG A 159 14.75 1.26 15.42
N GLN A 160 14.54 -0.05 15.41
CA GLN A 160 14.85 -0.87 14.28
C GLN A 160 14.07 -0.42 13.04
N VAL A 161 12.78 -0.13 13.18
CA VAL A 161 11.99 0.38 12.05
C VAL A 161 12.56 1.73 11.60
N ALA A 162 12.97 2.55 12.58
CA ALA A 162 13.48 3.90 12.34
C ALA A 162 14.75 3.85 11.48
N TRP A 163 15.61 2.90 11.82
CA TRP A 163 16.82 2.58 11.09
C TRP A 163 16.54 2.25 9.63
N VAL A 164 15.63 1.31 9.38
CA VAL A 164 15.36 0.98 7.98
C VAL A 164 14.64 2.08 7.22
N ALA A 165 13.77 2.81 7.90
CA ALA A 165 13.15 4.00 7.32
C ALA A 165 14.23 5.02 6.89
N ARG A 166 15.22 5.24 7.75
CA ARG A 166 16.32 6.12 7.44
C ARG A 166 17.16 5.65 6.23
N GLU A 167 17.50 4.36 6.19
CA GLU A 167 18.22 3.79 5.07
C GLU A 167 17.46 3.99 3.79
N LEU A 168 16.16 3.75 3.83
CA LEU A 168 15.37 3.90 2.62
C LEU A 168 15.33 5.35 2.12
N GLN A 169 15.14 6.32 3.03
CA GLN A 169 15.09 7.70 2.60
C GLN A 169 16.48 8.14 2.07
N GLN A 170 17.54 7.67 2.73
CA GLN A 170 18.89 8.03 2.33
C GLN A 170 19.34 7.37 1.01
N MET A 171 18.68 6.28 0.62
CA MET A 171 18.87 5.63 -0.67
C MET A 171 18.16 6.35 -1.81
N GLY A 172 17.27 7.28 -1.48
CA GLY A 172 16.53 8.02 -2.49
C GLY A 172 15.04 7.79 -2.56
N CYS A 173 14.49 6.99 -1.64
CA CYS A 173 13.02 6.87 -1.53
C CYS A 173 12.44 8.19 -1.05
N TYR A 174 11.41 8.66 -1.73
CA TYR A 174 10.84 9.97 -1.40
C TYR A 174 9.83 9.88 -0.23
N GLU A 175 9.30 8.67 -0.01
CA GLU A 175 8.27 8.42 0.99
C GLU A 175 8.45 6.98 1.50
N VAL A 176 8.30 6.81 2.81
CA VAL A 176 8.39 5.50 3.43
C VAL A 176 7.01 5.11 4.02
N SER A 177 6.48 3.97 3.57
CA SER A 177 5.22 3.43 4.01
C SER A 177 5.46 2.40 5.12
N LEU A 178 4.96 2.70 6.32
CA LEU A 178 5.17 1.85 7.49
C LEU A 178 4.08 0.76 7.54
N GLY A 179 4.50 -0.49 7.33
CA GLY A 179 3.56 -1.57 7.06
C GLY A 179 3.36 -2.51 8.24
N ASP A 180 2.20 -2.40 8.89
CA ASP A 180 1.83 -3.39 9.88
C ASP A 180 1.21 -4.51 9.04
N THR A 181 2.10 -5.38 8.58
CA THR A 181 1.78 -6.30 7.49
C THR A 181 1.18 -7.64 7.97
N ILE A 182 1.19 -7.86 9.30
CA ILE A 182 0.36 -8.91 9.94
C ILE A 182 -0.86 -8.39 10.77
N GLY A 183 -1.02 -7.06 10.85
CA GLY A 183 -2.15 -6.44 11.50
C GLY A 183 -2.19 -6.54 13.02
N VAL A 184 -1.04 -6.84 13.63
CA VAL A 184 -0.95 -7.07 15.08
C VAL A 184 -0.82 -5.80 15.95
N GLY A 185 -0.61 -4.65 15.32
CA GLY A 185 -0.33 -3.42 16.06
C GLY A 185 -1.58 -2.85 16.69
N THR A 186 -1.39 -2.14 17.81
CA THR A 186 -2.49 -1.46 18.46
C THR A 186 -2.21 0.05 18.54
N ALA A 187 -3.23 0.84 18.91
CA ALA A 187 -3.16 2.28 18.76
C ALA A 187 -1.98 2.95 19.48
N GLY A 188 -1.63 2.49 20.69
CA GLY A 188 -0.55 3.10 21.45
C GLY A 188 0.85 2.82 20.92
N ALA A 189 1.09 1.57 20.52
CA ALA A 189 2.35 1.15 19.95
C ALA A 189 2.54 1.83 18.60
N THR A 190 1.44 2.04 17.89
CA THR A 190 1.45 2.78 16.65
C THR A 190 1.98 4.20 16.84
N ARG A 191 1.50 4.89 17.88
CA ARG A 191 1.95 6.26 18.13
C ARG A 191 3.42 6.32 18.53
N ARG A 192 3.83 5.37 19.38
CA ARG A 192 5.23 5.26 19.76
C ARG A 192 6.14 4.94 18.57
N LEU A 193 5.61 4.13 17.64
CA LEU A 193 6.33 3.81 16.41
C LEU A 193 6.56 5.09 15.57
N ILE A 194 5.50 5.87 15.38
CA ILE A 194 5.60 7.12 14.64
C ILE A 194 6.61 8.09 15.28
N GLU A 195 6.59 8.18 16.61
N GLU A 195 6.59 8.24 16.60
CA GLU A 195 7.52 9.01 17.38
CA GLU A 195 7.58 9.07 17.28
C GLU A 195 8.99 8.59 17.22
C GLU A 195 9.02 8.58 17.05
N ALA A 196 9.25 7.28 17.21
CA ALA A 196 10.60 6.73 17.01
C ALA A 196 11.08 6.96 15.58
N VAL A 197 10.20 6.70 14.60
CA VAL A 197 10.57 6.84 13.21
C VAL A 197 10.78 8.31 12.84
N ALA A 198 9.96 9.20 13.42
CA ALA A 198 10.03 10.64 13.17
C ALA A 198 11.30 11.28 13.76
N SER A 199 12.05 10.52 14.54
CA SER A 199 13.36 10.97 14.99
C SER A 199 14.39 10.89 13.88
N GLU A 200 14.09 10.12 12.84
CA GLU A 200 15.02 9.87 11.72
C GLU A 200 14.47 10.37 10.41
N VAL A 201 13.16 10.22 10.21
CA VAL A 201 12.53 10.70 8.99
C VAL A 201 11.22 11.49 9.23
N PRO A 202 11.14 12.70 8.65
CA PRO A 202 10.04 13.57 9.03
C PRO A 202 8.69 12.98 8.61
N ARG A 203 7.65 13.33 9.38
CA ARG A 203 6.28 12.83 9.20
C ARG A 203 5.81 13.03 7.77
N GLU A 204 6.31 14.08 7.12
CA GLU A 204 5.84 14.36 5.77
C GLU A 204 6.35 13.40 4.70
N ARG A 205 7.28 12.52 5.07
CA ARG A 205 7.77 11.47 4.18
C ARG A 205 7.32 10.11 4.69
N LEU A 206 6.27 10.10 5.52
CA LEU A 206 5.76 8.89 6.17
C LEU A 206 4.33 8.59 5.77
N ALA A 207 4.02 7.31 5.60
CA ALA A 207 2.67 6.86 5.35
C ALA A 207 2.35 5.66 6.23
N GLY A 208 1.07 5.40 6.51
CA GLY A 208 0.68 4.28 7.35
C GLY A 208 0.02 3.20 6.54
N HIS A 209 0.55 1.99 6.66
CA HIS A 209 0.06 0.86 5.86
C HIS A 209 -0.42 -0.25 6.82
N PHE A 210 -1.69 -0.18 7.21
CA PHE A 210 -2.19 -0.93 8.36
C PHE A 210 -3.10 -2.06 7.89
N HIS A 211 -2.71 -3.29 8.18
CA HIS A 211 -3.60 -4.42 7.91
C HIS A 211 -4.68 -4.53 8.97
N ASP A 212 -5.84 -5.00 8.55
CA ASP A 212 -7.01 -5.05 9.43
C ASP A 212 -7.30 -6.47 9.96
N THR A 213 -6.32 -7.34 9.83
CA THR A 213 -6.41 -8.75 10.25
C THR A 213 -6.88 -8.96 11.70
N TYR A 214 -6.56 -8.05 12.60
CA TYR A 214 -6.96 -8.17 14.00
C TYR A 214 -8.00 -7.12 14.37
N GLY A 215 -8.58 -6.48 13.36
CA GLY A 215 -9.60 -5.46 13.56
C GLY A 215 -9.08 -4.12 14.05
N GLN A 216 -7.76 -3.94 13.97
CA GLN A 216 -7.09 -2.76 14.56
C GLN A 216 -6.82 -1.56 13.61
N ALA A 217 -7.02 -1.76 12.31
CA ALA A 217 -6.48 -0.83 11.30
C ALA A 217 -6.98 0.60 11.41
N LEU A 218 -8.30 0.78 11.52
CA LEU A 218 -8.88 2.12 11.65
C LEU A 218 -8.49 2.86 12.94
N ALA A 219 -8.41 2.13 14.05
CA ALA A 219 -7.97 2.73 15.31
C ALA A 219 -6.51 3.16 15.22
N ASN A 220 -5.69 2.32 14.57
CA ASN A 220 -4.31 2.64 14.20
C ASN A 220 -4.18 3.87 13.30
N ILE A 221 -5.08 4.01 12.34
CA ILE A 221 -5.09 5.16 11.47
C ILE A 221 -5.47 6.40 12.28
N TYR A 222 -6.48 6.27 13.15
CA TYR A 222 -6.90 7.40 13.96
C TYR A 222 -5.75 7.85 14.86
N ALA A 223 -5.09 6.88 15.50
CA ALA A 223 -3.95 7.16 16.35
C ALA A 223 -2.84 7.83 15.53
N SER A 224 -2.70 7.43 14.26
CA SER A 224 -1.70 7.99 13.35
C SER A 224 -2.04 9.41 13.00
N LEU A 225 -3.31 9.67 12.71
CA LEU A 225 -3.79 11.02 12.46
C LEU A 225 -3.45 11.94 13.63
N LEU A 226 -3.61 11.42 14.85
CA LEU A 226 -3.34 12.21 16.05
C LEU A 226 -1.85 12.59 16.14
N GLU A 227 -1.02 11.80 15.47
CA GLU A 227 0.43 12.04 15.39
C GLU A 227 0.81 12.84 14.13
N GLY A 228 -0.18 13.23 13.34
CA GLY A 228 0.07 14.06 12.16
C GLY A 228 0.42 13.36 10.85
N ILE A 229 0.32 12.02 10.82
CA ILE A 229 0.49 11.26 9.58
C ILE A 229 -0.71 11.52 8.66
N ALA A 230 -0.44 11.76 7.38
CA ALA A 230 -1.49 12.18 6.46
C ALA A 230 -1.53 11.39 5.15
N VAL A 231 -0.90 10.21 5.17
CA VAL A 231 -0.94 9.30 4.02
C VAL A 231 -1.21 7.89 4.52
N PHE A 232 -2.23 7.24 3.96
CA PHE A 232 -2.61 5.90 4.39
C PHE A 232 -2.87 4.99 3.21
N ASP A 233 -2.30 3.78 3.26
CA ASP A 233 -2.52 2.82 2.18
C ASP A 233 -3.72 1.93 2.49
N SER A 234 -4.62 1.81 1.53
CA SER A 234 -5.78 0.97 1.69
C SER A 234 -6.20 0.27 0.38
N SER A 235 -7.00 -0.78 0.50
CA SER A 235 -7.48 -1.60 -0.61
C SER A 235 -9.00 -1.47 -0.77
N VAL A 236 -9.47 -1.06 -1.95
CA VAL A 236 -10.90 -0.89 -2.20
C VAL A 236 -11.67 -2.18 -1.90
N ALA A 237 -12.82 -2.08 -1.22
CA ALA A 237 -13.65 -3.24 -0.90
C ALA A 237 -12.87 -4.32 -0.17
N GLY A 238 -11.81 -3.91 0.53
CA GLY A 238 -10.96 -4.83 1.26
C GLY A 238 -10.47 -6.02 0.46
N LEU A 239 -9.87 -5.79 -0.71
CA LEU A 239 -9.15 -6.87 -1.42
C LEU A 239 -7.75 -7.07 -0.81
N GLY A 240 -7.09 -8.23 -0.98
CA GLY A 240 -7.60 -9.50 -0.39
C GLY A 240 -6.73 -9.76 0.86
N GLY A 241 -6.32 -11.00 1.12
CA GLY A 241 -6.00 -11.38 2.52
C GLY A 241 -4.56 -11.53 2.98
N CYS A 242 -4.41 -12.28 4.07
CA CYS A 242 -3.14 -12.44 4.74
C CYS A 242 -2.71 -13.92 4.76
N PRO A 243 -1.49 -14.20 4.26
CA PRO A 243 -0.97 -15.58 4.27
C PRO A 243 -0.72 -16.13 5.68
N TYR A 244 -0.46 -15.26 6.66
CA TYR A 244 -0.23 -15.70 8.04
C TYR A 244 -1.50 -15.98 8.83
N ALA A 245 -2.64 -15.61 8.26
CA ALA A 245 -3.94 -15.87 8.88
C ALA A 245 -4.88 -16.56 7.89
N LYS A 246 -4.36 -17.56 7.19
CA LYS A 246 -5.13 -18.37 6.25
C LYS A 246 -6.14 -17.55 5.44
N GLY A 247 -5.63 -16.49 4.80
CA GLY A 247 -6.42 -15.70 3.85
C GLY A 247 -7.50 -14.80 4.44
N ALA A 248 -7.56 -14.72 5.77
CA ALA A 248 -8.41 -13.74 6.47
C ALA A 248 -7.91 -12.32 6.16
N THR A 249 -8.82 -11.34 6.19
CA THR A 249 -8.53 -9.91 5.96
C THR A 249 -7.05 -9.53 5.91
N GLY A 250 -6.65 -8.85 4.84
CA GLY A 250 -5.32 -8.24 4.76
C GLY A 250 -5.40 -6.73 4.90
N ASN A 251 -5.22 -6.01 3.80
CA ASN A 251 -5.29 -4.55 3.79
C ASN A 251 -6.58 -4.02 4.39
N VAL A 252 -6.48 -2.90 5.11
CA VAL A 252 -7.65 -2.16 5.52
C VAL A 252 -8.41 -1.74 4.24
N ALA A 253 -9.73 -1.64 4.33
CA ALA A 253 -10.56 -1.29 3.20
C ALA A 253 -10.65 0.22 3.04
N SER A 254 -10.53 0.67 1.79
CA SER A 254 -10.48 2.10 1.45
C SER A 254 -11.73 2.86 1.87
N GLU A 255 -12.90 2.25 1.63
CA GLU A 255 -14.19 2.84 2.04
C GLU A 255 -14.28 3.03 3.56
N ASP A 256 -13.73 2.10 4.33
CA ASP A 256 -13.69 2.22 5.79
C ASP A 256 -12.90 3.45 6.19
N VAL A 257 -11.73 3.64 5.57
CA VAL A 257 -10.84 4.77 5.82
C VAL A 257 -11.51 6.07 5.38
N LEU A 258 -12.10 6.07 4.19
CA LEU A 258 -12.75 7.26 3.66
C LEU A 258 -13.89 7.66 4.59
N TYR A 259 -14.62 6.66 5.10
CA TYR A 259 -15.71 6.92 6.03
C TYR A 259 -15.21 7.68 7.26
N LEU A 260 -14.12 7.19 7.85
CA LEU A 260 -13.45 7.88 8.96
C LEU A 260 -13.10 9.31 8.56
N LEU A 261 -12.36 9.44 7.45
CA LEU A 261 -11.86 10.75 7.01
C LEU A 261 -12.97 11.75 6.67
N ASN A 262 -14.02 11.28 5.98
CA ASN A 262 -15.21 12.12 5.76
C ASN A 262 -15.83 12.55 7.07
N GLY A 263 -15.97 11.60 7.99
CA GLY A 263 -16.53 11.87 9.31
C GLY A 263 -15.70 12.88 10.07
N LEU A 264 -14.38 12.87 9.90
CA LEU A 264 -13.50 13.85 10.54
C LEU A 264 -13.47 15.16 9.75
N GLU A 265 -14.18 15.19 8.63
CA GLU A 265 -14.17 16.36 7.73
C GLU A 265 -12.75 16.71 7.25
N ILE A 266 -11.99 15.67 6.94
CA ILE A 266 -10.67 15.81 6.40
C ILE A 266 -10.76 15.63 4.89
N HIS A 267 -10.11 16.53 4.14
CA HIS A 267 -10.17 16.49 2.67
C HIS A 267 -9.31 15.37 2.09
N THR A 268 -9.89 14.57 1.21
CA THR A 268 -9.13 13.56 0.45
C THR A 268 -9.31 13.70 -1.08
N GLY A 269 -10.38 14.38 -1.51
CA GLY A 269 -10.73 14.48 -2.93
C GLY A 269 -11.46 13.25 -3.46
N VAL A 270 -11.67 12.26 -2.59
CA VAL A 270 -12.24 10.98 -3.04
C VAL A 270 -13.75 10.95 -2.78
N ASP A 271 -14.48 10.47 -3.79
CA ASP A 271 -15.93 10.38 -3.77
C ASP A 271 -16.37 8.98 -3.35
N MET A 272 -17.12 8.90 -2.25
CA MET A 272 -17.50 7.62 -1.66
C MET A 272 -18.34 6.74 -2.58
N HIS A 273 -19.38 7.33 -3.18
CA HIS A 273 -20.30 6.60 -4.05
C HIS A 273 -19.56 5.93 -5.22
N ALA A 274 -18.71 6.70 -5.90
CA ALA A 274 -17.85 6.19 -6.97
C ALA A 274 -16.83 5.16 -6.46
N LEU A 275 -16.25 5.40 -5.29
CA LEU A 275 -15.30 4.43 -4.66
C LEU A 275 -15.99 3.09 -4.38
N VAL A 276 -17.17 3.17 -3.75
CA VAL A 276 -18.00 1.99 -3.46
C VAL A 276 -18.40 1.29 -4.75
N ASP A 277 -18.79 2.08 -5.75
CA ASP A 277 -19.13 1.53 -7.06
C ASP A 277 -18.00 0.70 -7.70
N ALA A 278 -16.77 1.23 -7.63
CA ALA A 278 -15.57 0.54 -8.11
C ALA A 278 -15.35 -0.78 -7.37
N GLY A 279 -15.48 -0.74 -6.05
CA GLY A 279 -15.33 -1.92 -5.19
C GLY A 279 -16.40 -2.97 -5.44
N GLN A 280 -17.63 -2.53 -5.68
CA GLN A 280 -18.74 -3.42 -5.95
C GLN A 280 -18.49 -4.20 -7.22
N ARG A 281 -18.12 -3.49 -8.30
CA ARG A 281 -17.90 -4.10 -9.61
C ARG A 281 -16.80 -5.16 -9.59
N ILE A 282 -15.70 -4.87 -8.90
CA ILE A 282 -14.58 -5.81 -8.84
C ILE A 282 -14.89 -7.03 -7.97
N CYS A 283 -15.66 -6.84 -6.92
CA CYS A 283 -16.03 -7.96 -6.07
C CYS A 283 -16.95 -8.93 -6.82
N ALA A 284 -17.89 -8.39 -7.61
CA ALA A 284 -18.74 -9.19 -8.49
C ALA A 284 -17.90 -10.01 -9.51
N VAL A 285 -16.95 -9.36 -10.18
CA VAL A 285 -15.96 -10.04 -11.02
C VAL A 285 -15.27 -11.17 -10.25
N LEU A 286 -14.90 -10.94 -9.00
CA LEU A 286 -14.18 -11.93 -8.20
C LEU A 286 -14.96 -13.21 -7.83
N GLY A 287 -16.28 -13.18 -7.57
CA GLY A 287 -16.86 -12.35 -6.50
C GLY A 287 -17.19 -13.45 -5.47
N LYS A 288 -16.56 -13.50 -4.28
CA LYS A 288 -16.19 -12.39 -3.37
C LYS A 288 -17.31 -11.45 -2.92
N SER A 289 -17.65 -11.60 -1.63
CA SER A 289 -18.45 -10.61 -0.93
C SER A 289 -17.51 -9.49 -0.52
N ASN A 290 -18.01 -8.27 -0.70
CA ASN A 290 -17.32 -7.04 -0.40
C ASN A 290 -16.63 -7.13 0.95
N GLY A 291 -15.34 -6.80 1.00
CA GLY A 291 -14.56 -6.86 2.22
C GLY A 291 -14.62 -5.54 3.00
N SER A 292 -15.40 -4.59 2.50
CA SER A 292 -15.56 -3.35 3.24
C SER A 292 -16.91 -3.26 3.97
N ARG A 293 -16.85 -3.22 5.31
CA ARG A 293 -18.04 -2.98 6.13
C ARG A 293 -18.82 -1.72 5.76
N ALA A 294 -18.12 -0.59 5.65
CA ALA A 294 -18.73 0.67 5.23
C ALA A 294 -19.41 0.55 3.87
N ALA A 295 -18.75 -0.09 2.91
CA ALA A 295 -19.31 -0.25 1.55
C ALA A 295 -20.58 -1.09 1.56
N LYS A 296 -20.53 -2.24 2.22
CA LYS A 296 -21.72 -3.09 2.40
C LYS A 296 -22.87 -2.35 3.04
N ALA A 297 -22.60 -1.64 4.14
CA ALA A 297 -23.64 -0.89 4.82
C ALA A 297 -24.24 0.18 3.92
N LEU A 298 -23.38 0.89 3.19
CA LEU A 298 -23.86 1.92 2.29
C LEU A 298 -24.65 1.32 1.12
N LEU A 299 -24.22 0.16 0.65
CA LEU A 299 -24.91 -0.52 -0.45
C LEU A 299 -26.29 -1.03 -0.04
N ALA A 300 -26.35 -1.68 1.13
CA ALA A 300 -27.60 -2.09 1.78
C ALA A 300 -28.55 -0.93 2.00
N LYS A 301 -28.04 0.20 2.46
CA LYS A 301 -28.86 1.37 2.72
C LYS A 301 -29.53 1.87 1.43
N ALA A 302 -28.77 1.95 0.34
CA ALA A 302 -29.28 2.49 -0.94
C ALA A 302 -30.38 1.62 -1.59
NA NA B . 0.06 -5.07 2.35
C1 GOL C . 5.15 -8.40 -15.90
O1 GOL C . 5.74 -8.67 -14.64
C2 GOL C . 3.68 -8.00 -15.70
O2 GOL C . 3.09 -8.76 -14.65
C3 GOL C . 2.92 -8.14 -17.01
O3 GOL C . 3.18 -7.06 -17.89
C1 GOL D . 11.00 -7.45 2.60
O1 GOL D . 11.88 -8.40 3.10
C2 GOL D . 9.63 -8.07 2.76
O2 GOL D . 9.59 -9.19 1.90
C3 GOL D . 8.49 -7.08 2.48
O3 GOL D . 8.73 -5.78 3.02
#